data_1XXQ
#
_entry.id   1XXQ
#
_cell.length_a   110.740
_cell.length_b   110.740
_cell.length_c   159.280
_cell.angle_alpha   90.00
_cell.angle_beta   90.00
_cell.angle_gamma   120.00
#
_symmetry.space_group_name_H-M   'P 65'
#
loop_
_entity.id
_entity.type
_entity.pdbx_description
1 polymer 'mannose-binding lectin'
2 non-polymer 'ACETIC ACID'
3 non-polymer GLYCEROL
4 non-polymer 'SULFATE ION'
5 water water
#
_entity_poly.entity_id   1
_entity_poly.type   'polypeptide(L)'
_entity_poly.pdbx_seq_one_letter_code
;MAGTSTNTQTTGTSQTIEVGLWGGPGGNAWDDGSYTGIREINLSHGDAIGAFSVIYDLNGQPFTGPTHPGNEPSFKTVKI
TLDFPNEFLVSVSGYTGVLARLATGKDVIRSLTFKTNKKTYGPYGKEEGTPFSLPIENGLIVGFKGRSGFVVDAIGFHLS
L
;
_entity_poly.pdbx_strand_id   A,B,C,D
#
loop_
_chem_comp.id
_chem_comp.type
_chem_comp.name
_chem_comp.formula
ACY non-polymer 'ACETIC ACID' 'C2 H4 O2'
GOL non-polymer GLYCEROL 'C3 H8 O3'
SO4 non-polymer 'SULFATE ION' 'O4 S -2'
#
# COMPACT_ATOMS: atom_id res chain seq x y z
N THR A 8 -13.74 -1.11 5.33
CA THR A 8 -14.80 -0.74 4.35
C THR A 8 -14.50 0.62 3.74
N GLN A 9 -14.67 0.75 2.43
CA GLN A 9 -14.40 2.02 1.75
C GLN A 9 -15.55 2.99 1.97
N THR A 10 -15.21 4.21 2.38
CA THR A 10 -16.24 5.23 2.63
C THR A 10 -16.00 6.54 1.90
N THR A 11 -14.94 6.61 1.10
CA THR A 11 -14.63 7.82 0.34
C THR A 11 -14.08 7.46 -1.02
N GLY A 12 -14.26 8.35 -1.99
CA GLY A 12 -13.77 8.07 -3.34
C GLY A 12 -12.34 8.52 -3.63
N THR A 13 -11.67 9.10 -2.65
CA THR A 13 -10.30 9.56 -2.85
C THR A 13 -9.30 8.60 -2.21
N SER A 14 -8.35 8.13 -3.00
CA SER A 14 -7.33 7.21 -2.50
C SER A 14 -6.36 7.96 -1.59
N GLN A 15 -5.49 7.23 -0.91
CA GLN A 15 -4.55 7.89 -0.01
C GLN A 15 -3.16 7.27 -0.02
N THR A 16 -2.22 7.96 0.62
CA THR A 16 -0.85 7.49 0.74
C THR A 16 -0.37 7.81 2.14
N ILE A 17 0.69 7.15 2.55
CA ILE A 17 1.30 7.37 3.85
C ILE A 17 1.88 8.79 3.80
N GLU A 18 1.79 9.49 4.92
CA GLU A 18 2.29 10.86 5.00
C GLU A 18 3.14 11.00 6.26
N VAL A 19 4.38 11.45 6.11
CA VAL A 19 5.27 11.66 7.24
C VAL A 19 5.67 13.13 7.30
N GLY A 20 5.95 13.62 8.50
CA GLY A 20 6.27 15.01 8.69
C GLY A 20 5.07 15.60 9.43
N LEU A 21 4.98 16.92 9.56
CA LEU A 21 5.97 17.85 9.02
C LEU A 21 7.15 18.07 9.95
N TRP A 22 8.27 18.47 9.36
CA TRP A 22 9.47 18.84 10.10
C TRP A 22 9.53 20.33 9.88
N GLY A 23 9.86 21.09 10.92
CA GLY A 23 9.93 22.54 10.79
C GLY A 23 8.97 23.27 11.70
N GLY A 24 8.69 24.53 11.38
CA GLY A 24 7.80 25.33 12.21
C GLY A 24 6.39 25.56 11.69
N PRO A 25 5.54 26.24 12.47
CA PRO A 25 4.14 26.57 12.16
C PRO A 25 3.90 27.84 11.34
N GLY A 26 4.97 28.56 11.03
CA GLY A 26 4.82 29.79 10.26
C GLY A 26 4.46 29.55 8.80
N GLY A 27 4.28 30.64 8.07
CA GLY A 27 3.94 30.54 6.66
C GLY A 27 2.55 30.00 6.37
N ASN A 28 2.33 29.60 5.13
CA ASN A 28 1.03 29.06 4.72
C ASN A 28 1.20 27.62 4.26
N ALA A 29 0.30 26.75 4.70
CA ALA A 29 0.37 25.34 4.35
C ALA A 29 0.10 25.06 2.89
N TRP A 30 0.81 24.07 2.35
CA TRP A 30 0.62 23.64 0.97
C TRP A 30 0.84 22.14 0.88
N ASP A 31 0.23 21.52 -0.13
CA ASP A 31 0.36 20.08 -0.33
C ASP A 31 0.17 19.78 -1.81
N ASP A 32 1.25 19.33 -2.46
CA ASP A 32 1.20 19.04 -3.88
C ASP A 32 0.32 17.84 -4.22
N GLY A 33 0.12 16.97 -3.23
CA GLY A 33 -0.66 15.78 -3.47
C GLY A 33 0.33 14.66 -3.80
N SER A 34 -0.17 13.55 -4.35
CA SER A 34 0.72 12.44 -4.67
C SER A 34 0.72 12.09 -6.16
N TYR A 35 1.84 11.51 -6.59
CA TYR A 35 2.02 11.14 -8.00
C TYR A 35 2.71 9.78 -8.10
N THR A 36 3.41 9.52 -9.20
CA THR A 36 4.08 8.23 -9.36
C THR A 36 5.60 8.31 -9.21
N GLY A 37 6.11 9.52 -8.97
CA GLY A 37 7.54 9.67 -8.80
C GLY A 37 8.01 11.11 -8.91
N ILE A 38 9.32 11.31 -8.84
CA ILE A 38 9.93 12.63 -8.92
C ILE A 38 10.91 12.74 -10.08
N ARG A 39 10.76 13.79 -10.88
CA ARG A 39 11.62 13.99 -12.03
C ARG A 39 12.62 15.13 -11.82
N GLU A 40 12.15 16.21 -11.18
CA GLU A 40 13.01 17.36 -10.97
C GLU A 40 12.63 18.19 -9.76
N ILE A 41 13.63 18.74 -9.09
CA ILE A 41 13.41 19.58 -7.92
C ILE A 41 14.10 20.92 -8.13
N ASN A 42 13.33 21.99 -8.00
CA ASN A 42 13.86 23.34 -8.15
C ASN A 42 13.72 24.08 -6.82
N LEU A 43 14.84 24.55 -6.30
CA LEU A 43 14.81 25.27 -5.03
C LEU A 43 15.80 26.43 -5.04
N SER A 44 15.76 27.23 -3.99
CA SER A 44 16.68 28.36 -3.84
C SER A 44 17.12 28.33 -2.38
N HIS A 45 18.33 28.82 -2.11
CA HIS A 45 18.82 28.80 -0.75
C HIS A 45 19.79 29.92 -0.42
N GLY A 46 19.86 30.25 0.86
CA GLY A 46 20.74 31.29 1.36
C GLY A 46 20.94 30.94 2.82
N ASP A 47 20.33 31.71 3.72
CA ASP A 47 20.46 31.40 5.13
C ASP A 47 19.39 30.38 5.51
N ALA A 48 18.67 29.91 4.48
CA ALA A 48 17.63 28.91 4.63
C ALA A 48 17.17 28.46 3.24
N ILE A 49 16.14 27.62 3.19
CA ILE A 49 15.61 27.18 1.91
C ILE A 49 14.46 28.14 1.58
N GLY A 50 14.53 28.77 0.40
CA GLY A 50 13.50 29.72 0.03
C GLY A 50 12.42 29.14 -0.86
N ALA A 51 12.74 28.98 -2.14
CA ALA A 51 11.78 28.43 -3.09
C ALA A 51 11.90 26.91 -3.14
N PHE A 52 10.79 26.25 -3.46
CA PHE A 52 10.77 24.79 -3.55
C PHE A 52 9.63 24.38 -4.48
N SER A 53 9.98 23.85 -5.64
CA SER A 53 8.98 23.41 -6.61
C SER A 53 9.42 22.09 -7.21
N VAL A 54 8.46 21.25 -7.54
CA VAL A 54 8.77 19.94 -8.07
C VAL A 54 8.06 19.58 -9.36
N ILE A 55 8.77 18.85 -10.22
CA ILE A 55 8.18 18.35 -11.44
C ILE A 55 8.08 16.86 -11.15
N TYR A 56 6.85 16.37 -11.02
CA TYR A 56 6.63 14.97 -10.72
C TYR A 56 6.46 14.13 -11.96
N ASP A 57 6.46 12.82 -11.75
CA ASP A 57 6.18 11.90 -12.86
C ASP A 57 4.76 11.47 -12.59
N LEU A 58 3.97 11.38 -13.65
CA LEU A 58 2.60 10.91 -13.52
C LEU A 58 2.40 9.88 -14.61
N ASN A 59 2.62 8.62 -14.25
CA ASN A 59 2.45 7.51 -15.18
C ASN A 59 3.28 7.66 -16.46
N GLY A 60 4.54 8.06 -16.32
CA GLY A 60 5.40 8.19 -17.48
C GLY A 60 5.46 9.54 -18.16
N GLN A 61 4.67 10.49 -17.68
CA GLN A 61 4.66 11.84 -18.26
C GLN A 61 4.93 12.84 -17.15
N PRO A 62 5.73 13.88 -17.44
CA PRO A 62 6.00 14.87 -16.39
C PRO A 62 4.73 15.62 -16.00
N PHE A 63 4.68 16.05 -14.74
CA PHE A 63 3.55 16.83 -14.24
C PHE A 63 4.16 17.90 -13.35
N THR A 64 3.98 19.14 -13.75
CA THR A 64 4.53 20.26 -12.98
C THR A 64 3.68 20.51 -11.73
N GLY A 65 4.29 20.35 -10.57
CA GLY A 65 3.55 20.57 -9.34
C GLY A 65 3.37 22.04 -9.06
N PRO A 66 2.49 22.40 -8.11
CA PRO A 66 2.31 23.82 -7.83
C PRO A 66 3.62 24.40 -7.33
N THR A 67 3.86 25.68 -7.64
CA THR A 67 5.10 26.32 -7.22
C THR A 67 5.00 26.91 -5.82
N HIS A 68 6.15 26.98 -5.15
CA HIS A 68 6.24 27.52 -3.79
C HIS A 68 7.53 28.35 -3.82
N PRO A 69 7.50 29.47 -4.56
CA PRO A 69 8.62 30.40 -4.73
C PRO A 69 9.15 31.11 -3.50
N GLY A 70 8.35 31.17 -2.44
CA GLY A 70 8.80 31.89 -1.25
C GLY A 70 9.06 33.31 -1.70
N ASN A 71 9.95 34.02 -1.02
CA ASN A 71 10.21 35.40 -1.41
C ASN A 71 11.59 35.88 -0.96
N GLU A 72 12.62 35.30 -1.55
CA GLU A 72 14.00 35.65 -1.24
C GLU A 72 14.79 35.83 -2.54
N PRO A 73 14.73 37.03 -3.12
CA PRO A 73 15.41 37.40 -4.37
C PRO A 73 16.91 37.14 -4.40
N SER A 74 17.56 37.18 -3.24
CA SER A 74 19.00 36.97 -3.17
C SER A 74 19.44 35.51 -3.18
N PHE A 75 18.54 34.60 -2.81
CA PHE A 75 18.88 33.19 -2.78
C PHE A 75 19.35 32.64 -4.12
N LYS A 76 20.29 31.70 -4.07
CA LYS A 76 20.82 31.07 -5.27
C LYS A 76 19.86 29.98 -5.68
N THR A 77 19.52 29.93 -6.96
CA THR A 77 18.60 28.92 -7.45
C THR A 77 19.36 27.65 -7.80
N VAL A 78 18.69 26.51 -7.65
CA VAL A 78 19.28 25.22 -7.96
C VAL A 78 18.25 24.33 -8.61
N LYS A 79 18.66 23.63 -9.66
CA LYS A 79 17.78 22.72 -10.37
C LYS A 79 18.37 21.33 -10.28
N ILE A 80 17.63 20.42 -9.65
CA ILE A 80 18.06 19.05 -9.50
C ILE A 80 17.24 18.20 -10.47
N THR A 81 17.85 17.82 -11.57
CA THR A 81 17.17 17.00 -12.57
C THR A 81 17.59 15.55 -12.38
N LEU A 82 16.66 14.72 -11.92
CA LEU A 82 16.97 13.32 -11.68
C LEU A 82 16.86 12.50 -12.96
N ASP A 83 17.67 11.46 -13.04
CA ASP A 83 17.64 10.57 -14.20
C ASP A 83 16.53 9.56 -13.92
N PHE A 84 15.29 10.04 -14.04
CA PHE A 84 14.10 9.24 -13.80
C PHE A 84 13.88 8.26 -14.94
N PRO A 85 13.45 7.02 -14.65
CA PRO A 85 13.17 6.46 -13.32
C PRO A 85 14.33 5.71 -12.65
N ASN A 86 15.48 5.65 -13.31
CA ASN A 86 16.64 4.94 -12.76
C ASN A 86 17.17 5.55 -11.46
N GLU A 87 17.07 6.87 -11.34
CA GLU A 87 17.55 7.57 -10.16
C GLU A 87 16.37 8.03 -9.31
N PHE A 88 16.44 7.78 -8.01
CA PHE A 88 15.37 8.17 -7.11
C PHE A 88 15.90 8.40 -5.71
N LEU A 89 15.21 9.24 -4.95
CA LEU A 89 15.61 9.57 -3.59
C LEU A 89 15.58 8.38 -2.64
N VAL A 90 16.67 8.21 -1.89
CA VAL A 90 16.76 7.14 -0.90
C VAL A 90 16.86 7.78 0.47
N SER A 91 16.91 9.11 0.49
CA SER A 91 16.99 9.87 1.75
C SER A 91 16.90 11.36 1.54
N VAL A 92 16.21 12.03 2.47
CA VAL A 92 16.09 13.47 2.47
C VAL A 92 16.38 13.87 3.90
N SER A 93 17.24 14.85 4.08
CA SER A 93 17.59 15.30 5.41
C SER A 93 17.81 16.80 5.39
N GLY A 94 18.00 17.38 6.57
CA GLY A 94 18.22 18.81 6.63
C GLY A 94 18.30 19.30 8.07
N TYR A 95 18.03 20.59 8.25
CA TYR A 95 18.07 21.21 9.56
C TYR A 95 16.86 22.12 9.73
N THR A 96 16.32 22.15 10.94
CA THR A 96 15.19 23.03 11.25
C THR A 96 15.69 23.94 12.37
N GLY A 97 15.46 25.24 12.23
CA GLY A 97 15.92 26.16 13.25
C GLY A 97 15.41 27.57 13.05
N VAL A 98 15.55 28.39 14.08
CA VAL A 98 15.11 29.77 14.00
C VAL A 98 16.03 30.60 13.13
N LEU A 99 15.49 31.67 12.58
CA LEU A 99 16.23 32.57 11.72
C LEU A 99 16.28 33.91 12.46
N ALA A 100 17.48 34.42 12.71
CA ALA A 100 17.65 35.67 13.42
C ALA A 100 16.76 36.79 12.89
N ARG A 101 16.67 36.91 11.57
CA ARG A 101 15.86 37.96 10.95
C ARG A 101 14.34 37.76 11.03
N LEU A 102 13.89 36.62 11.55
CA LEU A 102 12.46 36.38 11.67
C LEU A 102 11.95 36.72 13.07
N ALA A 103 12.83 36.63 14.06
CA ALA A 103 12.49 36.93 15.44
C ALA A 103 11.14 36.37 15.89
N THR A 104 10.89 35.10 15.61
CA THR A 104 9.64 34.47 16.01
C THR A 104 9.92 33.28 16.94
N GLY A 105 11.18 32.89 17.02
CA GLY A 105 11.53 31.77 17.88
C GLY A 105 11.06 30.46 17.30
N LYS A 106 10.40 30.52 16.14
CA LYS A 106 9.90 29.33 15.48
C LYS A 106 10.84 28.87 14.38
N ASP A 107 10.91 27.57 14.16
CA ASP A 107 11.81 27.01 13.15
C ASP A 107 11.30 27.12 11.72
N VAL A 108 12.25 27.06 10.81
CA VAL A 108 11.99 27.07 9.38
C VAL A 108 12.98 26.04 8.86
N ILE A 109 12.88 25.65 7.60
CA ILE A 109 13.80 24.68 7.05
C ILE A 109 15.06 25.43 6.63
N ARG A 110 16.11 25.34 7.44
CA ARG A 110 17.35 26.05 7.15
C ARG A 110 18.23 25.34 6.14
N SER A 111 18.14 24.02 6.08
CA SER A 111 18.96 23.26 5.16
C SER A 111 18.23 22.03 4.66
N LEU A 112 18.62 21.57 3.49
CA LEU A 112 18.04 20.39 2.88
C LEU A 112 19.15 19.67 2.11
N THR A 113 19.12 18.35 2.16
CA THR A 113 20.10 17.51 1.45
C THR A 113 19.30 16.39 0.81
N PHE A 114 19.55 16.15 -0.48
CA PHE A 114 18.84 15.11 -1.20
C PHE A 114 19.80 14.03 -1.68
N LYS A 115 19.58 12.81 -1.19
CA LYS A 115 20.43 11.69 -1.56
C LYS A 115 19.65 10.67 -2.36
N THR A 116 20.13 10.37 -3.56
CA THR A 116 19.48 9.39 -4.41
C THR A 116 20.36 8.15 -4.42
N ASN A 117 19.96 7.15 -5.19
CA ASN A 117 20.72 5.92 -5.29
C ASN A 117 21.94 6.15 -6.19
N LYS A 118 22.04 7.35 -6.74
CA LYS A 118 23.16 7.67 -7.64
C LYS A 118 24.10 8.74 -7.11
N LYS A 119 23.56 9.75 -6.45
CA LYS A 119 24.37 10.86 -5.95
C LYS A 119 23.70 11.64 -4.82
N THR A 120 24.46 12.54 -4.21
CA THR A 120 23.95 13.39 -3.14
C THR A 120 23.93 14.83 -3.62
N TYR A 121 22.79 15.49 -3.47
CA TYR A 121 22.64 16.88 -3.86
C TYR A 121 22.52 17.70 -2.59
N GLY A 122 23.42 18.66 -2.42
CA GLY A 122 23.40 19.49 -1.24
C GLY A 122 24.62 19.22 -0.39
N PRO A 123 24.65 19.69 0.87
CA PRO A 123 23.60 20.45 1.53
C PRO A 123 23.36 21.83 0.95
N TYR A 124 22.11 22.27 1.01
CA TYR A 124 21.70 23.58 0.51
C TYR A 124 21.26 24.39 1.71
N GLY A 125 21.61 25.67 1.73
CA GLY A 125 21.24 26.51 2.84
C GLY A 125 22.29 26.48 3.93
N LYS A 126 21.87 26.63 5.18
CA LYS A 126 22.78 26.62 6.32
C LYS A 126 22.46 25.49 7.27
N GLU A 127 23.46 24.66 7.55
CA GLU A 127 23.27 23.54 8.47
C GLU A 127 23.37 23.99 9.92
N GLU A 128 22.34 24.69 10.36
CA GLU A 128 22.27 25.19 11.72
C GLU A 128 20.89 24.89 12.29
N GLY A 129 20.85 24.60 13.59
CA GLY A 129 19.60 24.29 14.24
C GLY A 129 19.56 22.84 14.67
N THR A 130 18.42 22.18 14.46
CA THR A 130 18.25 20.78 14.82
C THR A 130 18.17 19.93 13.55
N PRO A 131 19.04 18.93 13.41
CA PRO A 131 18.94 18.11 12.20
C PRO A 131 17.76 17.16 12.21
N PHE A 132 17.38 16.69 11.02
CA PHE A 132 16.31 15.73 10.86
C PHE A 132 16.68 14.96 9.61
N SER A 133 16.15 13.75 9.46
CA SER A 133 16.49 12.95 8.30
C SER A 133 15.49 11.84 8.10
N LEU A 134 15.25 11.51 6.83
CA LEU A 134 14.33 10.45 6.50
C LEU A 134 14.98 9.48 5.54
N PRO A 135 15.75 8.52 6.07
CA PRO A 135 16.38 7.55 5.16
C PRO A 135 15.27 6.57 4.79
N ILE A 136 15.26 6.13 3.54
CA ILE A 136 14.23 5.21 3.07
C ILE A 136 14.86 3.91 2.60
N GLU A 137 14.35 2.79 3.09
CA GLU A 137 14.87 1.47 2.71
C GLU A 137 13.97 0.79 1.68
N ASN A 138 12.68 1.06 1.74
CA ASN A 138 11.73 0.47 0.79
C ASN A 138 10.61 1.48 0.58
N GLY A 139 10.32 1.79 -0.67
CA GLY A 139 9.27 2.75 -0.96
C GLY A 139 9.85 4.01 -1.59
N LEU A 140 8.96 4.93 -1.95
CA LEU A 140 9.37 6.18 -2.61
C LEU A 140 8.59 7.39 -2.13
N ILE A 141 9.22 8.56 -2.26
CA ILE A 141 8.53 9.80 -1.94
C ILE A 141 7.78 10.08 -3.25
N VAL A 142 6.47 10.22 -3.17
CA VAL A 142 5.67 10.47 -4.37
C VAL A 142 4.94 11.80 -4.31
N GLY A 143 5.31 12.62 -3.32
CA GLY A 143 4.67 13.91 -3.18
C GLY A 143 5.24 14.70 -2.03
N PHE A 144 5.28 16.02 -2.18
CA PHE A 144 5.80 16.90 -1.14
C PHE A 144 4.69 17.79 -0.58
N LYS A 145 4.82 18.14 0.69
CA LYS A 145 3.87 19.03 1.34
C LYS A 145 4.70 19.85 2.32
N GLY A 146 4.12 20.93 2.83
CA GLY A 146 4.86 21.74 3.77
C GLY A 146 4.20 23.07 4.10
N ARG A 147 5.02 24.05 4.43
CA ARG A 147 4.56 25.39 4.76
C ARG A 147 5.57 26.39 4.24
N SER A 148 5.08 27.49 3.66
CA SER A 148 5.96 28.51 3.12
C SER A 148 5.47 29.94 3.31
N GLY A 149 6.45 30.84 3.49
CA GLY A 149 6.20 32.25 3.64
C GLY A 149 7.30 32.84 2.77
N PHE A 150 8.24 33.56 3.37
CA PHE A 150 9.35 34.11 2.61
C PHE A 150 10.24 32.91 2.27
N VAL A 151 10.25 31.94 3.17
CA VAL A 151 11.03 30.72 2.98
C VAL A 151 10.20 29.48 3.31
N VAL A 152 10.82 28.31 3.25
CA VAL A 152 10.12 27.08 3.56
C VAL A 152 10.14 26.91 5.07
N ASP A 153 8.97 27.03 5.68
CA ASP A 153 8.81 26.90 7.13
C ASP A 153 8.84 25.44 7.57
N ALA A 154 8.18 24.58 6.79
CA ALA A 154 8.09 23.17 7.12
C ALA A 154 8.00 22.33 5.85
N ILE A 155 8.30 21.04 5.97
CA ILE A 155 8.24 20.15 4.83
C ILE A 155 7.82 18.74 5.27
N GLY A 156 7.12 18.05 4.39
CA GLY A 156 6.65 16.70 4.67
C GLY A 156 6.63 15.88 3.38
N PHE A 157 6.42 14.58 3.50
CA PHE A 157 6.43 13.71 2.33
C PHE A 157 5.30 12.69 2.26
N HIS A 158 4.83 12.43 1.04
CA HIS A 158 3.82 11.40 0.81
C HIS A 158 4.67 10.22 0.36
N LEU A 159 4.42 9.04 0.92
CA LEU A 159 5.19 7.86 0.58
C LEU A 159 4.34 6.76 -0.02
N SER A 160 4.93 5.96 -0.90
CA SER A 160 4.23 4.85 -1.52
C SER A 160 5.19 3.77 -2.00
N LEU A 161 4.70 2.54 -2.08
CA LEU A 161 5.51 1.44 -2.58
C LEU A 161 5.51 1.56 -4.10
N THR B 8 13.58 -3.54 -0.54
CA THR B 8 14.56 -2.54 -1.07
C THR B 8 14.00 -1.91 -2.34
N GLN B 9 14.15 -0.59 -2.45
CA GLN B 9 13.66 0.12 -3.62
C GLN B 9 14.66 -0.01 -4.77
N THR B 10 14.16 -0.40 -5.94
CA THR B 10 15.04 -0.56 -7.10
C THR B 10 14.60 0.23 -8.32
N THR B 11 13.45 0.89 -8.22
CA THR B 11 12.94 1.69 -9.33
C THR B 11 12.35 3.00 -8.81
N GLY B 12 12.31 4.02 -9.66
CA GLY B 12 11.79 5.30 -9.25
C GLY B 12 10.30 5.50 -9.48
N THR B 13 9.64 4.50 -10.05
CA THR B 13 8.21 4.58 -10.31
C THR B 13 7.42 3.83 -9.25
N SER B 14 6.45 4.50 -8.65
CA SER B 14 5.62 3.88 -7.62
C SER B 14 4.71 2.84 -8.25
N GLN B 15 4.03 2.05 -7.43
CA GLN B 15 3.16 1.02 -7.97
C GLN B 15 1.88 0.85 -7.17
N THR B 16 0.95 0.11 -7.75
CA THR B 16 -0.32 -0.18 -7.10
C THR B 16 -0.64 -1.63 -7.40
N ILE B 17 -1.56 -2.20 -6.63
CA ILE B 17 -2.00 -3.55 -6.86
C ILE B 17 -2.71 -3.51 -8.20
N GLU B 18 -2.60 -4.58 -8.97
CA GLU B 18 -3.25 -4.66 -10.27
C GLU B 18 -3.91 -6.02 -10.43
N VAL B 19 -5.22 -6.01 -10.69
CA VAL B 19 -5.96 -7.25 -10.88
C VAL B 19 -6.44 -7.29 -12.34
N GLY B 20 -6.60 -8.51 -12.86
CA GLY B 20 -6.99 -8.69 -14.24
C GLY B 20 -5.78 -9.28 -14.94
N LEU B 21 -5.78 -9.33 -16.27
CA LEU B 21 -6.88 -8.83 -17.08
C LEU B 21 -7.93 -9.91 -17.32
N TRP B 22 -9.15 -9.45 -17.55
CA TRP B 22 -10.25 -10.34 -17.89
C TRP B 22 -10.43 -10.02 -19.37
N GLY B 23 -10.54 -11.06 -20.19
CA GLY B 23 -10.69 -10.84 -21.62
C GLY B 23 -9.71 -11.67 -22.41
N GLY B 24 -9.55 -11.34 -23.68
CA GLY B 24 -8.64 -12.09 -24.54
C GLY B 24 -7.29 -11.45 -24.78
N PRO B 25 -6.41 -12.14 -25.53
CA PRO B 25 -5.06 -11.64 -25.84
C PRO B 25 -5.00 -10.75 -27.07
N GLY B 26 -6.14 -10.55 -27.72
CA GLY B 26 -6.18 -9.73 -28.93
C GLY B 26 -5.98 -8.25 -28.67
N GLY B 27 -5.99 -7.46 -29.73
CA GLY B 27 -5.81 -6.03 -29.60
C GLY B 27 -4.43 -5.60 -29.16
N ASN B 28 -4.31 -4.35 -28.70
CA ASN B 28 -3.04 -3.81 -28.26
C ASN B 28 -3.15 -3.31 -26.83
N ALA B 29 -2.14 -3.62 -26.03
CA ALA B 29 -2.15 -3.24 -24.62
C ALA B 29 -2.10 -1.76 -24.33
N TRP B 30 -2.78 -1.36 -23.28
CA TRP B 30 -2.77 0.02 -22.82
C TRP B 30 -2.90 0.02 -21.32
N ASP B 31 -2.35 1.05 -20.68
CA ASP B 31 -2.38 1.16 -19.23
C ASP B 31 -2.41 2.64 -18.87
N ASP B 32 -3.52 3.11 -18.32
CA ASP B 32 -3.64 4.52 -17.95
C ASP B 32 -2.76 4.88 -16.76
N GLY B 33 -2.37 3.87 -15.99
CA GLY B 33 -1.56 4.13 -14.83
C GLY B 33 -2.49 4.36 -13.65
N SER B 34 -1.99 4.98 -12.59
CA SER B 34 -2.79 5.22 -11.39
C SER B 34 -2.97 6.69 -11.04
N TYR B 35 -4.09 6.99 -10.38
CA TYR B 35 -4.45 8.35 -9.99
C TYR B 35 -5.03 8.31 -8.57
N THR B 36 -5.83 9.31 -8.22
CA THR B 36 -6.42 9.31 -6.88
C THR B 36 -7.91 8.98 -6.85
N GLY B 37 -8.50 8.74 -8.00
CA GLY B 37 -9.92 8.42 -8.05
C GLY B 37 -10.50 8.45 -9.45
N ILE B 38 -11.81 8.20 -9.56
CA ILE B 38 -12.49 8.20 -10.85
C ILE B 38 -13.63 9.22 -10.86
N ARG B 39 -13.66 10.08 -11.88
CA ARG B 39 -14.70 11.08 -11.99
C ARG B 39 -15.73 10.79 -13.07
N GLU B 40 -15.26 10.30 -14.21
CA GLU B 40 -16.16 10.03 -15.33
C GLU B 40 -15.66 8.91 -16.23
N ILE B 41 -16.61 8.15 -16.79
CA ILE B 41 -16.29 7.06 -17.69
C ILE B 41 -17.12 7.25 -18.96
N ASN B 42 -16.43 7.22 -20.10
CA ASN B 42 -17.10 7.36 -21.40
C ASN B 42 -16.85 6.08 -22.18
N LEU B 43 -17.91 5.39 -22.56
CA LEU B 43 -17.77 4.16 -23.31
C LEU B 43 -18.80 4.09 -24.41
N SER B 44 -18.70 3.05 -25.25
CA SER B 44 -19.67 2.84 -26.31
C SER B 44 -19.99 1.36 -26.24
N HIS B 45 -21.20 0.99 -26.62
CA HIS B 45 -21.59 -0.41 -26.56
C HIS B 45 -22.63 -0.78 -27.59
N GLY B 46 -22.68 -2.07 -27.90
CA GLY B 46 -23.63 -2.62 -28.86
C GLY B 46 -23.68 -4.10 -28.57
N ASP B 47 -22.98 -4.89 -29.39
CA ASP B 47 -22.92 -6.33 -29.16
C ASP B 47 -21.66 -6.62 -28.36
N ALA B 48 -20.97 -5.56 -27.97
CA ALA B 48 -19.75 -5.64 -27.17
C ALA B 48 -19.45 -4.23 -26.65
N ILE B 49 -18.32 -4.07 -25.96
CA ILE B 49 -17.92 -2.76 -25.46
C ILE B 49 -16.84 -2.25 -26.41
N GLY B 50 -17.08 -1.12 -27.05
CA GLY B 50 -16.13 -0.59 -28.01
C GLY B 50 -15.14 0.41 -27.47
N ALA B 51 -15.62 1.60 -27.12
CA ALA B 51 -14.75 2.64 -26.59
C ALA B 51 -14.77 2.62 -25.06
N PHE B 52 -13.66 3.02 -24.47
CA PHE B 52 -13.55 3.09 -23.02
C PHE B 52 -12.50 4.14 -22.66
N SER B 53 -12.94 5.27 -22.13
CA SER B 53 -12.03 6.34 -21.77
C SER B 53 -12.46 6.91 -20.43
N VAL B 54 -11.48 7.30 -19.62
CA VAL B 54 -11.77 7.79 -18.28
C VAL B 54 -11.20 9.17 -17.94
N ILE B 55 -11.92 9.88 -17.07
CA ILE B 55 -11.46 11.16 -16.57
C ILE B 55 -11.24 10.82 -15.11
N TYR B 56 -9.98 10.87 -14.69
CA TYR B 56 -9.64 10.54 -13.31
C TYR B 56 -9.59 11.76 -12.43
N ASP B 57 -9.42 11.50 -11.14
CA ASP B 57 -9.24 12.60 -10.20
C ASP B 57 -7.76 12.52 -9.90
N LEU B 58 -7.11 13.68 -9.85
CA LEU B 58 -5.70 13.72 -9.51
C LEU B 58 -5.57 14.78 -8.44
N ASN B 59 -5.53 14.33 -7.19
CA ASN B 59 -5.39 15.24 -6.06
C ASN B 59 -6.47 16.33 -6.00
N GLY B 60 -7.72 15.94 -6.22
CA GLY B 60 -8.81 16.89 -6.15
C GLY B 60 -9.20 17.60 -7.43
N GLN B 61 -8.43 17.39 -8.49
CA GLN B 61 -8.71 18.03 -9.78
C GLN B 61 -8.85 16.98 -10.87
N PRO B 62 -9.75 17.24 -11.86
CA PRO B 62 -9.93 16.28 -12.94
C PRO B 62 -8.67 16.13 -13.79
N PHE B 63 -8.45 14.91 -14.28
CA PHE B 63 -7.32 14.65 -15.15
C PHE B 63 -7.79 13.65 -16.19
N THR B 64 -7.83 14.08 -17.44
CA THR B 64 -8.29 13.22 -18.51
C THR B 64 -7.23 12.18 -18.89
N GLY B 65 -7.60 10.92 -18.81
CA GLY B 65 -6.66 9.87 -19.16
C GLY B 65 -6.60 9.68 -20.66
N PRO B 66 -5.65 8.89 -21.15
CA PRO B 66 -5.57 8.67 -22.60
C PRO B 66 -6.84 7.96 -23.05
N THR B 67 -7.24 8.20 -24.29
CA THR B 67 -8.45 7.60 -24.81
C THR B 67 -8.20 6.22 -25.41
N HIS B 68 -9.24 5.40 -25.42
CA HIS B 68 -9.18 4.06 -25.98
C HIS B 68 -10.52 3.90 -26.70
N PRO B 69 -10.71 4.62 -27.81
CA PRO B 69 -11.96 4.57 -28.57
C PRO B 69 -12.23 3.29 -29.36
N GLY B 70 -11.20 2.48 -29.58
CA GLY B 70 -11.42 1.29 -30.39
C GLY B 70 -11.71 1.83 -31.79
N ASN B 71 -12.15 0.97 -32.70
CA ASN B 71 -12.42 1.41 -34.07
C ASN B 71 -13.83 1.06 -34.57
N GLU B 72 -14.76 0.83 -33.65
CA GLU B 72 -16.14 0.51 -33.99
C GLU B 72 -16.94 1.82 -33.90
N PRO B 73 -17.28 2.41 -35.06
CA PRO B 73 -18.02 3.68 -35.09
C PRO B 73 -19.53 3.63 -34.91
N SER B 74 -20.12 2.44 -34.94
CA SER B 74 -21.57 2.32 -34.86
C SER B 74 -22.23 2.10 -33.49
N PHE B 75 -21.43 1.96 -32.44
CA PHE B 75 -21.96 1.72 -31.10
C PHE B 75 -22.65 2.92 -30.45
N LYS B 76 -23.50 2.64 -29.48
CA LYS B 76 -24.21 3.70 -28.74
C LYS B 76 -23.22 4.25 -27.73
N THR B 77 -23.07 5.57 -27.69
CA THR B 77 -22.13 6.17 -26.73
C THR B 77 -22.79 6.48 -25.40
N VAL B 78 -22.05 6.26 -24.33
CA VAL B 78 -22.58 6.50 -22.98
C VAL B 78 -21.59 7.25 -22.12
N LYS B 79 -22.11 8.19 -21.32
CA LYS B 79 -21.26 8.96 -20.41
C LYS B 79 -21.73 8.71 -18.99
N ILE B 80 -20.82 8.24 -18.15
CA ILE B 80 -21.12 7.98 -16.75
C ILE B 80 -20.37 9.03 -15.95
N THR B 81 -21.09 9.95 -15.33
CA THR B 81 -20.47 11.00 -14.53
C THR B 81 -20.74 10.70 -13.07
N LEU B 82 -19.70 10.31 -12.34
CA LEU B 82 -19.84 9.98 -10.94
C LEU B 82 -19.83 11.22 -10.06
N ASP B 83 -20.57 11.16 -8.95
CA ASP B 83 -20.63 12.27 -8.01
C ASP B 83 -19.38 12.17 -7.14
N PHE B 84 -18.23 12.43 -7.75
CA PHE B 84 -16.95 12.36 -7.03
C PHE B 84 -16.85 13.49 -6.00
N PRO B 85 -16.32 13.20 -4.80
CA PRO B 85 -15.80 11.93 -4.30
C PRO B 85 -16.78 11.07 -3.47
N ASN B 86 -18.00 11.57 -3.28
CA ASN B 86 -18.98 10.82 -2.50
C ASN B 86 -19.39 9.51 -3.15
N GLU B 87 -19.41 9.47 -4.48
CA GLU B 87 -19.79 8.26 -5.21
C GLU B 87 -18.54 7.62 -5.81
N PHE B 88 -18.39 6.31 -5.60
CA PHE B 88 -17.24 5.58 -6.11
C PHE B 88 -17.62 4.13 -6.38
N LEU B 89 -16.87 3.48 -7.27
CA LEU B 89 -17.14 2.10 -7.63
C LEU B 89 -16.90 1.10 -6.50
N VAL B 90 -17.84 0.18 -6.34
CA VAL B 90 -17.72 -0.86 -5.32
C VAL B 90 -17.72 -2.22 -6.02
N SER B 91 -17.97 -2.19 -7.33
CA SER B 91 -17.97 -3.41 -8.13
C SER B 91 -17.99 -3.14 -9.61
N VAL B 92 -17.27 -3.98 -10.36
CA VAL B 92 -17.22 -3.90 -11.81
C VAL B 92 -17.36 -5.34 -12.26
N SER B 93 -18.29 -5.59 -13.17
CA SER B 93 -18.50 -6.94 -13.68
C SER B 93 -18.76 -6.89 -15.17
N GLY B 94 -18.86 -8.06 -15.79
CA GLY B 94 -19.12 -8.09 -17.21
C GLY B 94 -19.08 -9.49 -17.77
N TYR B 95 -18.94 -9.56 -19.08
CA TYR B 95 -18.86 -10.83 -19.81
C TYR B 95 -17.72 -10.79 -20.82
N THR B 96 -17.03 -11.92 -20.97
CA THR B 96 -15.96 -12.03 -21.93
C THR B 96 -16.35 -13.20 -22.84
N GLY B 97 -16.04 -13.07 -24.12
CA GLY B 97 -16.38 -14.14 -25.04
C GLY B 97 -16.08 -13.73 -26.47
N VAL B 98 -16.15 -14.70 -27.36
CA VAL B 98 -15.89 -14.47 -28.77
C VAL B 98 -17.01 -13.67 -29.43
N LEU B 99 -16.62 -12.76 -30.32
CA LEU B 99 -17.58 -11.97 -31.09
C LEU B 99 -17.32 -12.44 -32.52
N ALA B 100 -18.24 -13.23 -33.05
CA ALA B 100 -18.10 -13.81 -34.39
C ALA B 100 -17.68 -12.90 -35.52
N ARG B 101 -18.31 -11.74 -35.65
CA ARG B 101 -17.98 -10.83 -36.74
C ARG B 101 -16.54 -10.30 -36.74
N LEU B 102 -15.82 -10.54 -35.66
CA LEU B 102 -14.43 -10.10 -35.56
C LEU B 102 -13.51 -11.07 -36.30
N ALA B 103 -13.98 -12.31 -36.47
CA ALA B 103 -13.23 -13.36 -37.15
C ALA B 103 -11.86 -13.59 -36.50
N THR B 104 -11.84 -13.63 -35.17
CA THR B 104 -10.59 -13.85 -34.44
C THR B 104 -10.65 -15.09 -33.57
N GLY B 105 -11.85 -15.42 -33.08
CA GLY B 105 -11.99 -16.57 -32.22
C GLY B 105 -11.37 -16.32 -30.86
N LYS B 106 -11.03 -15.07 -30.58
CA LYS B 106 -10.44 -14.72 -29.29
C LYS B 106 -11.44 -13.91 -28.48
N ASP B 107 -11.43 -14.10 -27.16
CA ASP B 107 -12.36 -13.39 -26.28
C ASP B 107 -12.17 -11.89 -26.26
N VAL B 108 -13.29 -11.17 -26.13
CA VAL B 108 -13.26 -9.72 -26.01
C VAL B 108 -14.26 -9.39 -24.92
N ILE B 109 -14.35 -8.13 -24.53
CA ILE B 109 -15.28 -7.72 -23.50
C ILE B 109 -16.63 -7.50 -24.16
N ARG B 110 -17.56 -8.43 -23.93
CA ARG B 110 -18.90 -8.37 -24.49
C ARG B 110 -19.81 -7.44 -23.70
N SER B 111 -19.62 -7.40 -22.38
CA SER B 111 -20.47 -6.56 -21.54
C SER B 111 -19.75 -6.06 -20.30
N LEU B 112 -20.21 -4.95 -19.77
CA LEU B 112 -19.63 -4.35 -18.58
C LEU B 112 -20.76 -3.74 -17.74
N THR B 113 -20.64 -3.85 -16.42
CA THR B 113 -21.60 -3.28 -15.49
C THR B 113 -20.78 -2.59 -14.41
N PHE B 114 -21.15 -1.36 -14.07
CA PHE B 114 -20.43 -0.59 -13.07
C PHE B 114 -21.35 -0.28 -11.90
N LYS B 115 -20.99 -0.75 -10.71
CA LYS B 115 -21.80 -0.49 -9.54
C LYS B 115 -21.07 0.39 -8.55
N THR B 116 -21.70 1.50 -8.16
CA THR B 116 -21.09 2.40 -7.18
C THR B 116 -21.90 2.25 -5.90
N ASN B 117 -21.51 3.00 -4.87
CA ASN B 117 -22.21 2.94 -3.61
C ASN B 117 -23.55 3.68 -3.72
N LYS B 118 -23.80 4.29 -4.88
CA LYS B 118 -25.04 5.03 -5.10
C LYS B 118 -26.02 4.34 -6.05
N LYS B 119 -25.50 3.75 -7.12
CA LYS B 119 -26.37 3.05 -8.07
C LYS B 119 -25.59 2.18 -9.05
N THR B 120 -26.32 1.54 -9.96
CA THR B 120 -25.70 0.66 -10.94
C THR B 120 -25.81 1.22 -12.34
N TYR B 121 -24.72 1.14 -13.09
CA TYR B 121 -24.69 1.62 -14.46
C TYR B 121 -24.50 0.42 -15.36
N GLY B 122 -25.45 0.19 -16.25
CA GLY B 122 -25.38 -0.95 -17.15
C GLY B 122 -26.44 -1.98 -16.78
N PRO B 123 -26.32 -3.22 -17.26
CA PRO B 123 -25.25 -3.73 -18.12
C PRO B 123 -25.23 -3.10 -19.51
N TYR B 124 -24.02 -2.89 -20.02
CA TYR B 124 -23.83 -2.33 -21.34
C TYR B 124 -23.37 -3.48 -22.23
N GLY B 125 -23.68 -3.40 -23.51
CA GLY B 125 -23.28 -4.46 -24.41
C GLY B 125 -24.17 -5.68 -24.34
N LYS B 126 -23.61 -6.85 -24.65
CA LYS B 126 -24.34 -8.10 -24.65
C LYS B 126 -23.86 -9.04 -23.56
N GLU B 127 -24.76 -9.44 -22.67
CA GLU B 127 -24.38 -10.35 -21.59
C GLU B 127 -24.37 -11.77 -22.11
N GLU B 128 -23.31 -12.09 -22.84
CA GLU B 128 -23.15 -13.41 -23.44
C GLU B 128 -21.69 -13.80 -23.29
N GLY B 129 -21.46 -15.07 -22.98
CA GLY B 129 -20.10 -15.55 -22.81
C GLY B 129 -19.83 -15.98 -21.38
N THR B 130 -18.63 -15.69 -20.89
CA THR B 130 -18.23 -16.04 -19.52
C THR B 130 -18.27 -14.81 -18.63
N PRO B 131 -19.04 -14.85 -17.54
CA PRO B 131 -19.12 -13.69 -16.65
C PRO B 131 -17.87 -13.54 -15.78
N PHE B 132 -17.66 -12.33 -15.28
CA PHE B 132 -16.55 -12.05 -14.38
C PHE B 132 -17.03 -10.90 -13.51
N SER B 133 -16.48 -10.79 -12.30
CA SER B 133 -16.91 -9.73 -11.40
C SER B 133 -15.83 -9.44 -10.38
N LEU B 134 -15.73 -8.18 -10.00
CA LEU B 134 -14.75 -7.77 -9.03
C LEU B 134 -15.40 -6.91 -7.97
N PRO B 135 -15.98 -7.55 -6.94
CA PRO B 135 -16.62 -6.82 -5.84
C PRO B 135 -15.47 -6.29 -4.98
N ILE B 136 -15.58 -5.06 -4.52
CA ILE B 136 -14.54 -4.47 -3.68
C ILE B 136 -15.13 -4.12 -2.32
N GLU B 137 -14.50 -4.62 -1.26
CA GLU B 137 -14.98 -4.33 0.09
C GLU B 137 -14.20 -3.20 0.72
N ASN B 138 -12.91 -3.13 0.40
CA ASN B 138 -12.05 -2.08 0.94
C ASN B 138 -11.01 -1.70 -0.11
N GLY B 139 -10.92 -0.41 -0.39
CA GLY B 139 -9.98 0.04 -1.40
C GLY B 139 -10.74 0.68 -2.54
N LEU B 140 -10.01 1.22 -3.51
CA LEU B 140 -10.61 1.90 -4.66
C LEU B 140 -9.91 1.58 -5.96
N ILE B 141 -10.65 1.65 -7.08
CA ILE B 141 -10.05 1.47 -8.38
C ILE B 141 -9.47 2.87 -8.64
N VAL B 142 -8.17 2.95 -8.90
CA VAL B 142 -7.54 4.25 -9.16
C VAL B 142 -6.93 4.33 -10.55
N GLY B 143 -7.26 3.35 -11.39
CA GLY B 143 -6.73 3.34 -12.74
C GLY B 143 -7.20 2.14 -13.49
N PHE B 144 -7.29 2.27 -14.81
CA PHE B 144 -7.72 1.17 -15.66
C PHE B 144 -6.61 0.81 -16.62
N LYS B 145 -6.59 -0.45 -17.04
CA LYS B 145 -5.64 -0.93 -18.01
C LYS B 145 -6.38 -1.99 -18.82
N GLY B 146 -5.80 -2.42 -19.93
CA GLY B 146 -6.46 -3.42 -20.74
C GLY B 146 -5.85 -3.59 -22.10
N ARG B 147 -6.67 -4.04 -23.04
CA ARG B 147 -6.24 -4.24 -24.43
C ARG B 147 -7.41 -3.83 -25.32
N SER B 148 -7.10 -3.12 -26.39
CA SER B 148 -8.13 -2.68 -27.33
C SER B 148 -7.67 -2.84 -28.76
N GLY B 149 -8.64 -3.12 -29.63
CA GLY B 149 -8.38 -3.27 -31.05
C GLY B 149 -9.58 -2.60 -31.69
N PHE B 150 -10.45 -3.38 -32.32
CA PHE B 150 -11.66 -2.83 -32.91
C PHE B 150 -12.55 -2.45 -31.71
N VAL B 151 -12.52 -3.29 -30.68
CA VAL B 151 -13.30 -3.06 -29.46
C VAL B 151 -12.39 -3.34 -28.25
N VAL B 152 -12.96 -3.35 -27.06
CA VAL B 152 -12.17 -3.64 -25.88
C VAL B 152 -11.97 -5.15 -25.79
N ASP B 153 -10.71 -5.59 -25.88
CA ASP B 153 -10.37 -7.02 -25.81
C ASP B 153 -10.25 -7.51 -24.38
N ALA B 154 -9.71 -6.66 -23.52
CA ALA B 154 -9.51 -7.04 -22.13
C ALA B 154 -9.47 -5.83 -21.24
N ILE B 155 -9.70 -6.04 -19.94
CA ILE B 155 -9.69 -4.93 -19.00
C ILE B 155 -9.15 -5.37 -17.64
N GLY B 156 -8.50 -4.44 -16.94
CA GLY B 156 -7.95 -4.71 -15.63
C GLY B 156 -8.00 -3.46 -14.77
N PHE B 157 -7.70 -3.57 -13.48
CA PHE B 157 -7.77 -2.40 -12.60
C PHE B 157 -6.60 -2.23 -11.64
N HIS B 158 -6.26 -0.97 -11.38
CA HIS B 158 -5.22 -0.61 -10.43
C HIS B 158 -6.01 -0.33 -9.16
N LEU B 159 -5.58 -0.90 -8.04
CA LEU B 159 -6.28 -0.72 -6.78
C LEU B 159 -5.40 -0.06 -5.74
N SER B 160 -6.02 0.73 -4.86
CA SER B 160 -5.29 1.41 -3.80
C SER B 160 -6.19 1.72 -2.62
N LEU B 161 -5.59 1.85 -1.44
CA LEU B 161 -6.33 2.21 -0.25
C LEU B 161 -6.47 3.73 -0.30
N THR C 8 -5.46 11.87 7.51
CA THR C 8 -4.98 11.76 8.92
C THR C 8 -5.36 10.41 9.50
N GLN C 9 -4.48 9.86 10.34
CA GLN C 9 -4.73 8.56 10.95
C GLN C 9 -5.70 8.72 12.12
N THR C 10 -6.71 7.86 12.17
CA THR C 10 -7.70 7.92 13.24
C THR C 10 -7.94 6.59 13.95
N THR C 11 -7.20 5.56 13.56
CA THR C 11 -7.33 4.24 14.18
C THR C 11 -5.98 3.55 14.25
N GLY C 12 -5.82 2.63 15.20
CA GLY C 12 -4.56 1.93 15.36
C GLY C 12 -4.46 0.63 14.58
N THR C 13 -5.50 0.28 13.83
CA THR C 13 -5.49 -0.96 13.05
C THR C 13 -5.17 -0.69 11.58
N SER C 14 -4.09 -1.29 11.08
CA SER C 14 -3.72 -1.09 9.68
C SER C 14 -4.71 -1.84 8.79
N GLN C 15 -4.63 -1.62 7.48
CA GLN C 15 -5.57 -2.29 6.60
C GLN C 15 -4.96 -2.75 5.28
N THR C 16 -5.74 -3.52 4.53
CA THR C 16 -5.33 -3.99 3.23
C THR C 16 -6.54 -3.92 2.31
N ILE C 17 -6.28 -3.95 1.02
CA ILE C 17 -7.34 -3.93 0.04
C ILE C 17 -8.07 -5.27 0.20
N GLU C 18 -9.38 -5.26 0.01
CA GLU C 18 -10.14 -6.50 0.14
C GLU C 18 -11.13 -6.62 -1.00
N VAL C 19 -11.12 -7.75 -1.68
CA VAL C 19 -12.04 -7.98 -2.80
C VAL C 19 -12.90 -9.19 -2.50
N GLY C 20 -14.09 -9.23 -3.10
CA GLY C 20 -15.02 -10.31 -2.85
C GLY C 20 -16.13 -9.66 -2.04
N LEU C 21 -17.03 -10.44 -1.47
CA LEU C 21 -17.02 -11.90 -1.57
C LEU C 21 -17.73 -12.41 -2.82
N TRP C 22 -17.40 -13.63 -3.19
CA TRP C 22 -18.03 -14.34 -4.30
C TRP C 22 -18.70 -15.49 -3.58
N GLY C 23 -19.94 -15.78 -3.92
CA GLY C 23 -20.65 -16.87 -3.27
C GLY C 23 -21.98 -16.43 -2.70
N GLY C 24 -22.54 -17.25 -1.82
CA GLY C 24 -23.83 -16.94 -1.23
C GLY C 24 -23.82 -16.38 0.18
N PRO C 25 -25.01 -16.07 0.72
CA PRO C 25 -25.17 -15.51 2.06
C PRO C 25 -25.33 -16.52 3.18
N GLY C 26 -25.31 -17.81 2.84
CA GLY C 26 -25.47 -18.84 3.85
C GLY C 26 -24.23 -19.05 4.69
N GLY C 27 -24.32 -19.97 5.66
CA GLY C 27 -23.19 -20.25 6.51
C GLY C 27 -22.86 -19.13 7.48
N ASN C 28 -21.67 -19.21 8.08
CA ASN C 28 -21.24 -18.21 9.04
C ASN C 28 -19.98 -17.52 8.56
N ALA C 29 -19.97 -16.19 8.64
CA ALA C 29 -18.83 -15.40 8.19
C ALA C 29 -17.56 -15.66 8.98
N TRP C 30 -16.43 -15.57 8.28
CA TRP C 30 -15.13 -15.71 8.89
C TRP C 30 -14.15 -14.88 8.11
N ASP C 31 -13.06 -14.48 8.76
CA ASP C 31 -12.05 -13.66 8.12
C ASP C 31 -10.74 -13.93 8.83
N ASP C 32 -9.80 -14.55 8.13
CA ASP C 32 -8.51 -14.88 8.71
C ASP C 32 -7.66 -13.65 9.00
N GLY C 33 -7.94 -12.56 8.29
CA GLY C 33 -7.14 -11.37 8.46
C GLY C 33 -6.04 -11.41 7.41
N SER C 34 -5.02 -10.58 7.56
CA SER C 34 -3.92 -10.53 6.60
C SER C 34 -2.57 -10.90 7.21
N TYR C 35 -1.68 -11.39 6.35
CA TYR C 35 -0.35 -11.82 6.76
C TYR C 35 0.67 -11.35 5.71
N THR C 36 1.78 -12.06 5.57
CA THR C 36 2.77 -11.63 4.59
C THR C 36 2.89 -12.58 3.40
N GLY C 37 2.08 -13.63 3.40
CA GLY C 37 2.14 -14.57 2.29
C GLY C 37 1.40 -15.86 2.57
N ILE C 38 1.46 -16.78 1.60
CA ILE C 38 0.79 -18.07 1.72
C ILE C 38 1.79 -19.20 1.54
N ARG C 39 1.78 -20.13 2.49
CA ARG C 39 2.68 -21.28 2.45
C ARG C 39 1.96 -22.56 2.05
N GLU C 40 0.78 -22.77 2.61
CA GLU C 40 0.04 -23.99 2.30
C GLU C 40 -1.45 -23.77 2.35
N ILE C 41 -2.17 -24.47 1.46
CA ILE C 41 -3.61 -24.38 1.40
C ILE C 41 -4.19 -25.77 1.56
N ASN C 42 -5.08 -25.92 2.53
CA ASN C 42 -5.71 -27.20 2.79
C ASN C 42 -7.20 -27.08 2.49
N LEU C 43 -7.71 -28.01 1.70
CA LEU C 43 -9.13 -27.97 1.36
C LEU C 43 -9.63 -29.38 1.08
N SER C 44 -10.95 -29.52 1.04
CA SER C 44 -11.56 -30.80 0.73
C SER C 44 -12.57 -30.47 -0.36
N HIS C 45 -12.88 -31.44 -1.20
CA HIS C 45 -13.84 -31.19 -2.28
C HIS C 45 -14.55 -32.44 -2.74
N GLY C 46 -15.76 -32.23 -3.24
CA GLY C 46 -16.60 -33.31 -3.74
C GLY C 46 -17.50 -32.62 -4.76
N ASP C 47 -18.76 -32.40 -4.41
CA ASP C 47 -19.66 -31.71 -5.33
C ASP C 47 -19.58 -30.21 -5.08
N ALA C 48 -18.66 -29.83 -4.20
CA ALA C 48 -18.40 -28.42 -3.85
C ALA C 48 -17.11 -28.39 -3.04
N ILE C 49 -16.72 -27.20 -2.58
CA ILE C 49 -15.52 -27.08 -1.76
C ILE C 49 -15.99 -27.14 -0.32
N GLY C 50 -15.48 -28.09 0.44
CA GLY C 50 -15.91 -28.24 1.82
C GLY C 50 -15.05 -27.52 2.83
N ALA C 51 -13.90 -28.12 3.15
CA ALA C 51 -12.97 -27.52 4.10
C ALA C 51 -12.03 -26.58 3.39
N PHE C 52 -11.60 -25.54 4.11
CA PHE C 52 -10.64 -24.59 3.57
C PHE C 52 -9.85 -23.99 4.72
N SER C 53 -8.55 -24.27 4.77
CA SER C 53 -7.69 -23.76 5.82
C SER C 53 -6.36 -23.38 5.20
N VAL C 54 -5.69 -22.40 5.79
CA VAL C 54 -4.43 -21.95 5.24
C VAL C 54 -3.32 -21.84 6.27
N ILE C 55 -2.09 -22.09 5.80
CA ILE C 55 -0.90 -21.93 6.63
C ILE C 55 -0.28 -20.72 5.95
N TYR C 56 -0.34 -19.58 6.62
CA TYR C 56 0.20 -18.35 6.07
C TYR C 56 1.66 -18.17 6.41
N ASP C 57 2.28 -17.19 5.75
CA ASP C 57 3.63 -16.85 6.10
C ASP C 57 3.44 -15.59 6.93
N LEU C 58 4.21 -15.45 8.00
CA LEU C 58 4.15 -14.25 8.82
C LEU C 58 5.60 -13.85 9.07
N ASN C 59 6.10 -12.98 8.19
CA ASN C 59 7.46 -12.49 8.30
C ASN C 59 8.52 -13.59 8.30
N GLY C 60 8.37 -14.57 7.41
CA GLY C 60 9.36 -15.63 7.31
C GLY C 60 9.11 -16.89 8.10
N GLN C 61 8.05 -16.92 8.90
CA GLN C 61 7.73 -18.10 9.68
C GLN C 61 6.28 -18.49 9.41
N PRO C 62 5.97 -19.79 9.48
CA PRO C 62 4.59 -20.18 9.22
C PRO C 62 3.65 -19.75 10.35
N PHE C 63 2.42 -19.42 9.99
CA PHE C 63 1.41 -19.05 10.97
C PHE C 63 0.17 -19.81 10.57
N THR C 64 -0.34 -20.64 11.48
CA THR C 64 -1.51 -21.43 11.19
C THR C 64 -2.78 -20.59 11.25
N GLY C 65 -3.47 -20.49 10.11
CA GLY C 65 -4.68 -19.71 10.08
C GLY C 65 -5.84 -20.42 10.74
N PRO C 66 -6.91 -19.70 11.09
CA PRO C 66 -8.04 -20.38 11.72
C PRO C 66 -8.60 -21.43 10.77
N THR C 67 -9.14 -22.51 11.31
CA THR C 67 -9.69 -23.57 10.48
C THR C 67 -11.13 -23.31 10.07
N HIS C 68 -11.48 -23.84 8.89
CA HIS C 68 -12.83 -23.72 8.35
C HIS C 68 -13.09 -25.07 7.69
N PRO C 69 -13.18 -26.13 8.50
CA PRO C 69 -13.41 -27.49 8.03
C PRO C 69 -14.74 -27.80 7.38
N GLY C 70 -15.77 -27.01 7.64
CA GLY C 70 -17.06 -27.35 7.08
C GLY C 70 -17.40 -28.67 7.74
N ASN C 71 -18.14 -29.54 7.06
CA ASN C 71 -18.49 -30.84 7.63
C ASN C 71 -18.93 -31.81 6.54
N GLU C 72 -17.95 -32.30 5.78
CA GLU C 72 -18.22 -33.23 4.69
C GLU C 72 -17.25 -34.41 4.75
N PRO C 73 -17.63 -35.48 5.47
CA PRO C 73 -16.84 -36.70 5.64
C PRO C 73 -16.39 -37.38 4.35
N SER C 74 -17.20 -37.29 3.31
CA SER C 74 -16.89 -37.96 2.04
C SER C 74 -15.99 -37.21 1.06
N PHE C 75 -15.75 -35.93 1.30
CA PHE C 75 -14.93 -35.13 0.39
C PHE C 75 -13.47 -35.54 0.33
N LYS C 76 -12.87 -35.39 -0.86
CA LYS C 76 -11.46 -35.71 -1.04
C LYS C 76 -10.66 -34.56 -0.44
N THR C 77 -9.54 -34.85 0.20
CA THR C 77 -8.74 -33.80 0.82
C THR C 77 -7.48 -33.52 0.00
N VAL C 78 -7.14 -32.24 -0.09
CA VAL C 78 -5.97 -31.80 -0.84
C VAL C 78 -5.11 -30.88 0.03
N LYS C 79 -3.80 -31.02 -0.11
CA LYS C 79 -2.87 -30.16 0.63
C LYS C 79 -1.91 -29.57 -0.38
N ILE C 80 -2.10 -28.29 -0.68
CA ILE C 80 -1.24 -27.60 -1.63
C ILE C 80 -0.11 -26.95 -0.86
N THR C 81 1.10 -27.49 -0.99
CA THR C 81 2.25 -26.93 -0.31
C THR C 81 3.04 -26.14 -1.34
N LEU C 82 2.91 -24.82 -1.27
CA LEU C 82 3.61 -23.95 -2.21
C LEU C 82 5.09 -23.85 -1.87
N ASP C 83 5.91 -23.68 -2.90
CA ASP C 83 7.34 -23.52 -2.72
C ASP C 83 7.57 -22.05 -2.36
N PHE C 84 7.14 -21.68 -1.16
CA PHE C 84 7.26 -20.31 -0.67
C PHE C 84 8.72 -19.99 -0.37
N PRO C 85 9.17 -18.77 -0.70
CA PRO C 85 8.48 -17.65 -1.32
C PRO C 85 8.56 -17.58 -2.84
N ASN C 86 9.28 -18.49 -3.47
CA ASN C 86 9.43 -18.44 -4.92
C ASN C 86 8.13 -18.69 -5.69
N GLU C 87 7.23 -19.47 -5.11
CA GLU C 87 5.95 -19.78 -5.74
C GLU C 87 4.83 -19.05 -5.02
N PHE C 88 3.96 -18.40 -5.79
CA PHE C 88 2.85 -17.64 -5.22
C PHE C 88 1.68 -17.59 -6.20
N LEU C 89 0.49 -17.41 -5.67
CA LEU C 89 -0.71 -17.35 -6.51
C LEU C 89 -0.73 -16.14 -7.45
N VAL C 90 -1.13 -16.39 -8.69
CA VAL C 90 -1.24 -15.32 -9.67
C VAL C 90 -2.70 -15.29 -10.15
N SER C 91 -3.48 -16.22 -9.63
CA SER C 91 -4.90 -16.30 -9.95
C SER C 91 -5.65 -17.34 -9.15
N VAL C 92 -6.88 -16.98 -8.77
CA VAL C 92 -7.77 -17.88 -8.05
C VAL C 92 -9.08 -17.73 -8.80
N SER C 93 -9.68 -18.85 -9.19
CA SER C 93 -10.95 -18.81 -9.90
C SER C 93 -11.83 -19.95 -9.42
N GLY C 94 -13.06 -19.99 -9.89
CA GLY C 94 -13.95 -21.06 -9.47
C GLY C 94 -15.35 -20.86 -9.98
N TYR C 95 -16.30 -21.55 -9.35
CA TYR C 95 -17.70 -21.48 -9.71
C TYR C 95 -18.57 -21.31 -8.47
N THR C 96 -19.62 -20.51 -8.60
CA THR C 96 -20.55 -20.31 -7.49
C THR C 96 -21.91 -20.76 -7.97
N GLY C 97 -22.68 -21.37 -7.09
CA GLY C 97 -24.00 -21.84 -7.48
C GLY C 97 -24.66 -22.66 -6.40
N VAL C 98 -25.95 -22.91 -6.58
CA VAL C 98 -26.70 -23.69 -5.61
C VAL C 98 -26.32 -25.16 -5.65
N LEU C 99 -26.26 -25.78 -4.48
CA LEU C 99 -25.97 -27.20 -4.38
C LEU C 99 -27.28 -27.80 -3.89
N ALA C 100 -28.02 -28.40 -4.81
CA ALA C 100 -29.33 -28.98 -4.51
C ALA C 100 -29.47 -29.68 -3.17
N ARG C 101 -28.60 -30.64 -2.88
CA ARG C 101 -28.71 -31.40 -1.64
C ARG C 101 -28.67 -30.61 -0.34
N LEU C 102 -28.14 -29.39 -0.35
CA LEU C 102 -28.08 -28.60 0.87
C LEU C 102 -29.46 -28.09 1.26
N ALA C 103 -30.36 -28.07 0.28
CA ALA C 103 -31.74 -27.63 0.50
C ALA C 103 -31.83 -26.20 1.03
N THR C 104 -30.90 -25.33 0.61
CA THR C 104 -30.91 -23.94 1.05
C THR C 104 -31.33 -22.99 -0.07
N GLY C 105 -31.02 -23.37 -1.30
CA GLY C 105 -31.34 -22.52 -2.43
C GLY C 105 -30.40 -21.34 -2.54
N LYS C 106 -29.31 -21.39 -1.79
CA LYS C 106 -28.31 -20.32 -1.79
C LYS C 106 -27.01 -20.76 -2.44
N ASP C 107 -26.33 -19.83 -3.10
CA ASP C 107 -25.08 -20.16 -3.77
C ASP C 107 -23.98 -20.52 -2.79
N VAL C 108 -23.12 -21.44 -3.22
CA VAL C 108 -21.96 -21.84 -2.42
C VAL C 108 -20.81 -21.93 -3.42
N ILE C 109 -19.61 -22.18 -2.91
CA ILE C 109 -18.45 -22.30 -3.79
C ILE C 109 -18.42 -23.73 -4.29
N ARG C 110 -18.87 -23.93 -5.53
CA ARG C 110 -18.91 -25.25 -6.15
C ARG C 110 -17.53 -25.75 -6.58
N SER C 111 -16.67 -24.82 -7.00
CA SER C 111 -15.34 -25.19 -7.47
C SER C 111 -14.32 -24.08 -7.22
N LEU C 112 -13.06 -24.48 -7.17
CA LEU C 112 -11.97 -23.54 -6.95
C LEU C 112 -10.75 -24.04 -7.71
N THR C 113 -10.03 -23.13 -8.34
CA THR C 113 -8.80 -23.45 -9.06
C THR C 113 -7.75 -22.44 -8.60
N PHE C 114 -6.55 -22.92 -8.29
CA PHE C 114 -5.48 -22.05 -7.84
C PHE C 114 -4.31 -22.11 -8.80
N LYS C 115 -3.96 -20.96 -9.38
CA LYS C 115 -2.85 -20.90 -10.31
C LYS C 115 -1.71 -20.07 -9.75
N THR C 116 -0.53 -20.66 -9.67
CA THR C 116 0.64 -19.96 -9.18
C THR C 116 1.52 -19.65 -10.37
N ASN C 117 2.66 -19.02 -10.13
CA ASN C 117 3.58 -18.70 -11.21
C ASN C 117 4.34 -19.96 -11.63
N LYS C 118 4.09 -21.06 -10.93
CA LYS C 118 4.76 -22.32 -11.23
C LYS C 118 3.87 -23.38 -11.87
N LYS C 119 2.64 -23.52 -11.37
CA LYS C 119 1.72 -24.50 -11.92
C LYS C 119 0.27 -24.20 -11.50
N THR C 120 -0.65 -25.06 -11.94
CA THR C 120 -2.06 -24.89 -11.61
C THR C 120 -2.55 -26.05 -10.74
N TYR C 121 -3.27 -25.70 -9.68
CA TYR C 121 -3.81 -26.70 -8.77
C TYR C 121 -5.32 -26.71 -8.94
N GLY C 122 -5.85 -27.86 -9.35
CA GLY C 122 -7.29 -27.97 -9.56
C GLY C 122 -7.62 -28.16 -11.03
N PRO C 123 -8.87 -27.99 -11.44
CA PRO C 123 -10.03 -27.62 -10.61
C PRO C 123 -10.40 -28.63 -9.55
N TYR C 124 -10.91 -28.14 -8.43
CA TYR C 124 -11.37 -28.96 -7.32
C TYR C 124 -12.87 -28.74 -7.22
N GLY C 125 -13.61 -29.77 -6.85
CA GLY C 125 -15.05 -29.61 -6.75
C GLY C 125 -15.72 -29.88 -8.07
N LYS C 126 -16.81 -29.17 -8.35
CA LYS C 126 -17.54 -29.36 -9.59
C LYS C 126 -17.73 -28.01 -10.28
N GLU C 127 -17.28 -27.92 -11.52
CA GLU C 127 -17.41 -26.66 -12.25
C GLU C 127 -18.80 -26.49 -12.82
N GLU C 128 -19.73 -26.15 -11.93
CA GLU C 128 -21.13 -25.94 -12.28
C GLU C 128 -21.59 -24.64 -11.64
N GLY C 129 -22.40 -23.87 -12.37
CA GLY C 129 -22.88 -22.62 -11.84
C GLY C 129 -22.30 -21.43 -12.57
N THR C 130 -22.06 -20.34 -11.84
CA THR C 130 -21.52 -19.13 -12.41
C THR C 130 -20.03 -18.97 -12.08
N PRO C 131 -19.19 -18.83 -13.12
CA PRO C 131 -17.75 -18.69 -12.86
C PRO C 131 -17.37 -17.32 -12.31
N PHE C 132 -16.21 -17.27 -11.67
CA PHE C 132 -15.66 -16.03 -11.14
C PHE C 132 -14.16 -16.24 -11.18
N SER C 133 -13.40 -15.16 -11.23
CA SER C 133 -11.95 -15.29 -11.31
C SER C 133 -11.25 -14.03 -10.87
N LEU C 134 -10.08 -14.21 -10.25
CA LEU C 134 -9.29 -13.09 -9.81
C LEU C 134 -7.86 -13.23 -10.28
N PRO C 135 -7.58 -12.80 -11.53
CA PRO C 135 -6.23 -12.89 -12.06
C PRO C 135 -5.49 -11.72 -11.41
N ILE C 136 -4.23 -11.91 -11.05
CA ILE C 136 -3.47 -10.85 -10.42
C ILE C 136 -2.23 -10.54 -11.24
N GLU C 137 -2.01 -9.26 -11.54
CA GLU C 137 -0.85 -8.85 -12.31
C GLU C 137 0.24 -8.27 -11.42
N ASN C 138 -0.17 -7.63 -10.32
CA ASN C 138 0.79 -7.06 -9.40
C ASN C 138 0.20 -7.07 -8.00
N GLY C 139 0.94 -7.66 -7.06
CA GLY C 139 0.45 -7.74 -5.71
C GLY C 139 0.26 -9.20 -5.32
N LEU C 140 -0.17 -9.43 -4.08
CA LEU C 140 -0.35 -10.78 -3.57
C LEU C 140 -1.59 -10.94 -2.71
N ILE C 141 -2.11 -12.16 -2.65
CA ILE C 141 -3.24 -12.44 -1.77
C ILE C 141 -2.52 -12.71 -0.44
N VAL C 142 -2.86 -11.96 0.60
CA VAL C 142 -2.21 -12.13 1.90
C VAL C 142 -3.17 -12.57 2.99
N GLY C 143 -4.37 -12.94 2.60
CA GLY C 143 -5.35 -13.37 3.57
C GLY C 143 -6.64 -13.78 2.89
N PHE C 144 -7.37 -14.70 3.52
CA PHE C 144 -8.65 -15.15 2.97
C PHE C 144 -9.76 -14.85 3.94
N LYS C 145 -10.97 -14.67 3.39
CA LYS C 145 -12.15 -14.43 4.20
C LYS C 145 -13.28 -15.12 3.45
N GLY C 146 -14.43 -15.28 4.10
CA GLY C 146 -15.55 -15.93 3.43
C GLY C 146 -16.66 -16.30 4.40
N ARG C 147 -17.41 -17.34 4.04
CA ARG C 147 -18.50 -17.84 4.87
C ARG C 147 -18.50 -19.37 4.73
N SER C 148 -18.80 -20.07 5.82
CA SER C 148 -18.82 -21.53 5.79
C SER C 148 -19.92 -22.13 6.65
N GLY C 149 -20.45 -23.26 6.19
CA GLY C 149 -21.48 -24.01 6.89
C GLY C 149 -20.99 -25.43 6.75
N PHE C 150 -21.71 -26.26 5.99
CA PHE C 150 -21.24 -27.62 5.77
C PHE C 150 -20.11 -27.51 4.74
N VAL C 151 -20.19 -26.48 3.91
CA VAL C 151 -19.19 -26.23 2.87
C VAL C 151 -18.83 -24.74 2.83
N VAL C 152 -17.97 -24.37 1.89
CA VAL C 152 -17.59 -22.97 1.75
C VAL C 152 -18.71 -22.28 0.96
N ASP C 153 -19.41 -21.36 1.63
CA ASP C 153 -20.51 -20.62 1.02
C ASP C 153 -20.00 -19.46 0.16
N ALA C 154 -18.92 -18.83 0.63
CA ALA C 154 -18.37 -17.70 -0.08
C ALA C 154 -16.90 -17.52 0.26
N ILE C 155 -16.18 -16.80 -0.58
CA ILE C 155 -14.76 -16.57 -0.36
C ILE C 155 -14.36 -15.19 -0.87
N GLY C 156 -13.37 -14.60 -0.21
CA GLY C 156 -12.89 -13.27 -0.58
C GLY C 156 -11.40 -13.21 -0.28
N PHE C 157 -10.74 -12.14 -0.72
CA PHE C 157 -9.30 -12.04 -0.50
C PHE C 157 -8.79 -10.68 -0.04
N HIS C 158 -7.71 -10.72 0.75
CA HIS C 158 -7.04 -9.52 1.23
C HIS C 158 -5.83 -9.43 0.30
N LEU C 159 -5.60 -8.25 -0.25
CA LEU C 159 -4.48 -8.07 -1.17
C LEU C 159 -3.48 -7.02 -0.68
N SER C 160 -2.22 -7.22 -1.05
CA SER C 160 -1.16 -6.27 -0.67
C SER C 160 0.00 -6.36 -1.64
N LEU C 161 0.78 -5.28 -1.72
CA LEU C 161 1.96 -5.25 -2.58
C LEU C 161 3.06 -5.97 -1.78
N THR D 8 4.40 -6.14 -11.97
CA THR D 8 4.62 -7.61 -12.07
C THR D 8 5.14 -8.16 -10.74
N GLN D 9 4.44 -9.17 -10.21
CA GLN D 9 4.85 -9.78 -8.95
C GLN D 9 5.97 -10.79 -9.20
N THR D 10 7.02 -10.73 -8.40
CA THR D 10 8.15 -11.64 -8.57
C THR D 10 8.54 -12.41 -7.32
N THR D 11 7.83 -12.17 -6.22
CA THR D 11 8.12 -12.87 -4.97
C THR D 11 6.83 -13.13 -4.20
N GLY D 12 6.88 -14.12 -3.31
CA GLY D 12 5.69 -14.46 -2.53
C GLY D 12 5.55 -13.73 -1.21
N THR D 13 6.52 -12.89 -0.88
CA THR D 13 6.47 -12.15 0.38
C THR D 13 5.97 -10.72 0.15
N SER D 14 4.93 -10.33 0.88
CA SER D 14 4.37 -8.99 0.76
C SER D 14 5.35 -7.98 1.33
N GLN D 15 5.08 -6.70 1.13
CA GLN D 15 5.98 -5.68 1.63
C GLN D 15 5.29 -4.44 2.15
N THR D 16 6.05 -3.62 2.87
CA THR D 16 5.54 -2.38 3.42
C THR D 16 6.63 -1.33 3.23
N ILE D 17 6.23 -0.07 3.33
CA ILE D 17 7.18 1.02 3.22
C ILE D 17 8.08 0.86 4.45
N GLU D 18 9.37 1.12 4.28
CA GLU D 18 10.32 1.01 5.37
C GLU D 18 11.17 2.26 5.45
N VAL D 19 11.21 2.91 6.61
CA VAL D 19 12.02 4.10 6.78
C VAL D 19 13.07 3.81 7.85
N GLY D 20 14.22 4.47 7.73
CA GLY D 20 15.32 4.22 8.65
C GLY D 20 16.40 3.53 7.82
N LEU D 21 17.44 2.99 8.46
CA LEU D 21 17.58 3.02 9.91
C LEU D 21 18.29 4.27 10.38
N TRP D 22 18.08 4.60 11.65
CA TRP D 22 18.73 5.72 12.29
C TRP D 22 19.63 5.01 13.30
N GLY D 23 20.90 5.40 13.38
CA GLY D 23 21.81 4.75 14.30
C GLY D 23 23.07 4.27 13.63
N GLY D 24 23.83 3.42 14.32
CA GLY D 24 25.09 2.92 13.78
C GLY D 24 25.07 1.55 13.15
N PRO D 25 26.21 1.10 12.60
CA PRO D 25 26.36 -0.20 11.94
C PRO D 25 26.73 -1.36 12.88
N GLY D 26 26.88 -1.07 14.16
CA GLY D 26 27.24 -2.11 15.12
C GLY D 26 26.13 -3.10 15.43
N GLY D 27 26.45 -4.10 16.25
CA GLY D 27 25.47 -5.10 16.61
C GLY D 27 25.05 -5.98 15.44
N ASN D 28 23.93 -6.68 15.60
CA ASN D 28 23.41 -7.55 14.57
C ASN D 28 22.04 -7.07 14.10
N ALA D 29 21.80 -7.17 12.80
CA ALA D 29 20.53 -6.73 12.24
C ALA D 29 19.37 -7.62 12.63
N TRP D 30 18.19 -7.02 12.81
CA TRP D 30 16.98 -7.74 13.12
C TRP D 30 15.82 -7.01 12.47
N ASP D 31 14.76 -7.74 12.17
CA ASP D 31 13.59 -7.17 11.52
C ASP D 31 12.39 -7.98 11.97
N ASP D 32 11.51 -7.36 12.76
CA ASP D 32 10.33 -8.05 13.25
C ASP D 32 9.34 -8.32 12.13
N GLY D 33 9.43 -7.53 11.07
CA GLY D 33 8.49 -7.69 9.98
C GLY D 33 7.30 -6.79 10.22
N SER D 34 6.18 -7.07 9.55
CA SER D 34 4.99 -6.25 9.69
C SER D 34 3.79 -7.00 10.24
N TYR D 35 2.93 -6.26 10.93
CA TYR D 35 1.72 -6.81 11.55
C TYR D 35 0.56 -5.84 11.30
N THR D 36 -0.46 -5.84 12.14
CA THR D 36 -1.57 -4.92 11.91
C THR D 36 -1.62 -3.75 12.89
N GLY D 37 -0.70 -3.72 13.85
CA GLY D 37 -0.67 -2.63 14.82
C GLY D 37 0.27 -2.90 15.98
N ILE D 38 0.30 -1.97 16.93
CA ILE D 38 1.17 -2.11 18.11
C ILE D 38 0.34 -2.07 19.39
N ARG D 39 0.52 -3.08 20.23
CA ARG D 39 -0.21 -3.15 21.50
C ARG D 39 0.65 -2.79 22.70
N GLU D 40 1.90 -3.23 22.69
CA GLU D 40 2.78 -2.95 23.83
C GLU D 40 4.25 -2.90 23.45
N ILE D 41 4.99 -2.03 24.11
CA ILE D 41 6.42 -1.89 23.88
C ILE D 41 7.14 -2.09 25.21
N ASN D 42 8.12 -2.98 25.23
CA ASN D 42 8.91 -3.23 26.43
C ASN D 42 10.36 -2.90 26.11
N LEU D 43 10.93 -1.97 26.84
CA LEU D 43 12.31 -1.58 26.60
C LEU D 43 13.01 -1.34 27.92
N SER D 44 14.32 -1.10 27.85
CA SER D 44 15.10 -0.81 29.04
C SER D 44 15.96 0.39 28.67
N HIS D 45 16.27 1.23 29.65
CA HIS D 45 17.07 2.40 29.37
C HIS D 45 17.90 2.86 30.56
N GLY D 46 18.96 3.59 30.25
CA GLY D 46 19.86 4.13 31.26
C GLY D 46 20.59 5.25 30.56
N ASP D 47 21.81 4.99 30.12
CA ASP D 47 22.57 6.00 29.39
C ASP D 47 22.37 5.76 27.88
N ALA D 48 21.50 4.80 27.57
CA ALA D 48 21.13 4.45 26.19
C ALA D 48 19.92 3.53 26.25
N ILE D 49 19.50 3.01 25.10
CA ILE D 49 18.38 2.08 25.06
C ILE D 49 18.97 0.67 24.96
N GLY D 50 18.61 -0.19 25.90
CA GLY D 50 19.16 -1.55 25.90
C GLY D 50 18.28 -2.59 25.24
N ALA D 51 17.27 -3.04 25.98
CA ALA D 51 16.35 -4.05 25.47
C ALA D 51 15.20 -3.40 24.70
N PHE D 52 14.67 -4.10 23.71
CA PHE D 52 13.55 -3.58 22.93
C PHE D 52 12.75 -4.74 22.34
N SER D 53 11.52 -4.91 22.78
CA SER D 53 10.67 -5.97 22.27
C SER D 53 9.24 -5.44 22.20
N VAL D 54 8.46 -5.98 21.28
CA VAL D 54 7.11 -5.49 21.10
C VAL D 54 6.04 -6.56 21.09
N ILE D 55 4.85 -6.19 21.53
CA ILE D 55 3.71 -7.09 21.47
C ILE D 55 2.90 -6.39 20.39
N TYR D 56 2.78 -7.03 19.24
CA TYR D 56 2.05 -6.45 18.13
C TYR D 56 0.61 -6.92 18.12
N ASP D 57 -0.19 -6.30 17.27
CA ASP D 57 -1.55 -6.76 17.11
C ASP D 57 -1.48 -7.50 15.79
N LEU D 58 -2.11 -8.66 15.74
CA LEU D 58 -2.15 -9.44 14.52
C LEU D 58 -3.61 -9.81 14.29
N ASN D 59 -4.28 -9.01 13.47
CA ASN D 59 -5.68 -9.25 13.14
C ASN D 59 -6.60 -9.28 14.36
N GLY D 60 -6.38 -8.35 15.28
CA GLY D 60 -7.23 -8.26 16.46
C GLY D 60 -6.78 -9.05 17.68
N GLN D 61 -5.68 -9.79 17.56
CA GLN D 61 -5.17 -10.58 18.67
C GLN D 61 -3.71 -10.25 18.91
N PRO D 62 -3.26 -10.30 20.16
CA PRO D 62 -1.86 -10.01 20.46
C PRO D 62 -0.92 -11.03 19.84
N PHE D 63 0.27 -10.58 19.43
CA PHE D 63 1.28 -11.46 18.88
C PHE D 63 2.59 -10.98 19.45
N THR D 64 3.28 -11.85 20.19
CA THR D 64 4.54 -11.48 20.80
C THR D 64 5.65 -11.47 19.74
N GLY D 65 6.25 -10.32 19.53
CA GLY D 65 7.30 -10.22 18.53
C GLY D 65 8.62 -10.80 19.03
N PRO D 66 9.60 -10.98 18.14
CA PRO D 66 10.87 -11.53 18.59
C PRO D 66 11.52 -10.58 19.59
N THR D 67 12.22 -11.13 20.56
CA THR D 67 12.86 -10.29 21.56
C THR D 67 14.24 -9.81 21.14
N HIS D 68 14.62 -8.64 21.66
CA HIS D 68 15.92 -8.04 21.38
C HIS D 68 16.34 -7.52 22.75
N PRO D 69 16.66 -8.44 23.67
CA PRO D 69 17.08 -8.15 25.05
C PRO D 69 18.31 -7.30 25.28
N GLY D 70 19.21 -7.23 24.31
CA GLY D 70 20.42 -6.45 24.51
C GLY D 70 21.21 -7.11 25.62
N ASN D 71 22.12 -6.37 26.24
CA ASN D 71 22.92 -6.93 27.33
C ASN D 71 23.34 -5.87 28.34
N GLU D 72 22.37 -5.10 28.82
CA GLU D 72 22.62 -4.06 29.82
C GLU D 72 21.66 -4.33 30.97
N PRO D 73 22.01 -5.31 31.83
CA PRO D 73 21.18 -5.70 32.97
C PRO D 73 20.93 -4.62 34.01
N SER D 74 21.71 -3.55 33.99
CA SER D 74 21.58 -2.48 34.96
C SER D 74 20.46 -1.49 34.61
N PHE D 75 20.00 -1.52 33.36
CA PHE D 75 18.97 -0.60 32.89
C PHE D 75 17.59 -0.70 33.50
N LYS D 76 16.90 0.44 33.50
CA LYS D 76 15.54 0.54 34.02
C LYS D 76 14.61 -0.08 32.97
N THR D 77 13.79 -1.03 33.39
CA THR D 77 12.87 -1.68 32.47
C THR D 77 11.56 -0.89 32.44
N VAL D 78 10.97 -0.76 31.25
CA VAL D 78 9.72 -0.02 31.11
C VAL D 78 8.74 -0.75 30.20
N LYS D 79 7.47 -0.72 30.58
CA LYS D 79 6.43 -1.34 29.77
C LYS D 79 5.45 -0.26 29.34
N ILE D 80 5.30 -0.12 28.03
CA ILE D 80 4.38 0.87 27.47
C ILE D 80 3.21 0.08 26.93
N THR D 81 2.08 0.12 27.64
CA THR D 81 0.90 -0.61 27.20
C THR D 81 -0.06 0.38 26.56
N LEU D 82 -0.22 0.31 25.24
CA LEU D 82 -1.10 1.22 24.54
C LEU D 82 -2.55 0.77 24.58
N ASP D 83 -3.46 1.74 24.59
CA ASP D 83 -4.89 1.45 24.61
C ASP D 83 -5.29 1.13 23.18
N PHE D 84 -4.80 0.00 22.67
CA PHE D 84 -5.08 -0.43 21.31
C PHE D 84 -6.56 -0.80 21.16
N PRO D 85 -7.18 -0.43 20.02
CA PRO D 85 -6.64 0.30 18.87
C PRO D 85 -6.88 1.80 18.87
N ASN D 86 -7.53 2.33 19.89
CA ASN D 86 -7.79 3.77 19.93
C ASN D 86 -6.53 4.61 20.09
N GLU D 87 -5.51 4.05 20.75
CA GLU D 87 -4.26 4.78 20.93
C GLU D 87 -3.19 4.18 20.02
N PHE D 88 -2.52 5.05 19.27
CA PHE D 88 -1.48 4.62 18.35
C PHE D 88 -0.40 5.69 18.19
N LEU D 89 0.80 5.27 17.82
CA LEU D 89 1.93 6.18 17.65
C LEU D 89 1.72 7.17 16.50
N VAL D 90 2.02 8.44 16.77
CA VAL D 90 1.92 9.48 15.76
C VAL D 90 3.32 10.06 15.57
N SER D 91 4.26 9.61 16.40
CA SER D 91 5.63 10.06 16.28
C SER D 91 6.57 9.26 17.16
N VAL D 92 7.77 9.05 16.64
CA VAL D 92 8.83 8.38 17.37
C VAL D 92 10.06 9.23 17.11
N SER D 93 10.81 9.53 18.16
CA SER D 93 12.00 10.34 18.01
C SER D 93 13.06 9.85 18.97
N GLY D 94 14.25 10.43 18.88
CA GLY D 94 15.31 10.01 19.76
C GLY D 94 16.64 10.66 19.44
N TYR D 95 17.71 10.06 19.93
CA TYR D 95 19.05 10.56 19.71
C TYR D 95 19.98 9.41 19.36
N THR D 96 20.89 9.64 18.43
CA THR D 96 21.86 8.62 18.06
C THR D 96 23.24 9.20 18.37
N GLY D 97 24.17 8.34 18.75
CA GLY D 97 25.50 8.82 19.07
C GLY D 97 26.34 7.75 19.74
N VAL D 98 27.63 8.01 19.83
CA VAL D 98 28.53 7.06 20.45
C VAL D 98 28.34 7.01 21.96
N LEU D 99 28.38 5.79 22.51
CA LEU D 99 28.29 5.59 23.95
C LEU D 99 29.72 5.18 24.27
N ALA D 100 30.48 6.13 24.82
CA ALA D 100 31.89 5.93 25.16
C ALA D 100 32.28 4.59 25.77
N ARG D 101 31.57 4.16 26.80
CA ARG D 101 31.91 2.90 27.46
C ARG D 101 31.87 1.63 26.61
N LEU D 102 31.18 1.68 25.48
CA LEU D 102 31.10 0.50 24.62
C LEU D 102 32.40 0.27 23.86
N ALA D 103 33.19 1.33 23.72
CA ALA D 103 34.47 1.25 23.03
C ALA D 103 34.34 0.74 21.59
N THR D 104 33.33 1.23 20.89
CA THR D 104 33.11 0.83 19.50
C THR D 104 33.32 2.02 18.58
N GLY D 105 33.10 3.21 19.11
CA GLY D 105 33.25 4.42 18.32
C GLY D 105 32.14 4.51 17.28
N LYS D 106 31.11 3.68 17.43
CA LYS D 106 29.98 3.68 16.50
C LYS D 106 28.71 4.19 17.18
N ASP D 107 27.85 4.85 16.42
CA ASP D 107 26.60 5.38 16.94
C ASP D 107 25.63 4.28 17.36
N VAL D 108 24.91 4.56 18.45
CA VAL D 108 23.89 3.64 18.95
C VAL D 108 22.70 4.52 19.30
N ILE D 109 21.60 3.91 19.69
CA ILE D 109 20.42 4.68 20.06
C ILE D 109 20.56 5.08 21.52
N ARG D 110 20.87 6.36 21.73
CA ARG D 110 21.05 6.89 23.08
C ARG D 110 19.73 7.18 23.77
N SER D 111 18.72 7.57 23.00
CA SER D 111 17.42 7.91 23.58
C SER D 111 16.27 7.67 22.62
N LEU D 112 15.09 7.45 23.18
CA LEU D 112 13.88 7.23 22.38
C LEU D 112 12.71 7.90 23.09
N THR D 113 11.79 8.44 22.30
CA THR D 113 10.57 9.06 22.83
C THR D 113 9.45 8.55 21.94
N PHE D 114 8.35 8.12 22.55
CA PHE D 114 7.20 7.61 21.80
C PHE D 114 5.99 8.50 22.06
N LYS D 115 5.46 9.10 21.01
CA LYS D 115 4.30 9.96 21.14
C LYS D 115 3.09 9.37 20.44
N THR D 116 2.01 9.16 21.18
CA THR D 116 0.80 8.61 20.60
C THR D 116 -0.21 9.74 20.52
N ASN D 117 -1.40 9.45 20.02
CA ASN D 117 -2.44 10.46 19.92
C ASN D 117 -3.01 10.76 21.31
N LYS D 118 -2.58 9.99 22.31
CA LYS D 118 -3.07 10.17 23.67
C LYS D 118 -2.06 10.80 24.62
N LYS D 119 -0.79 10.39 24.52
CA LYS D 119 0.24 10.93 25.39
C LYS D 119 1.64 10.68 24.89
N THR D 120 2.63 11.15 25.64
CA THR D 120 4.02 10.96 25.27
C THR D 120 4.71 10.07 26.30
N TYR D 121 5.47 9.10 25.80
CA TYR D 121 6.20 8.18 26.65
C TYR D 121 7.68 8.47 26.45
N GLY D 122 8.38 8.76 27.56
CA GLY D 122 9.79 9.08 27.48
C GLY D 122 10.00 10.55 27.83
N PRO D 123 11.17 11.12 27.53
CA PRO D 123 12.29 10.46 26.86
C PRO D 123 12.97 9.39 27.70
N TYR D 124 13.35 8.29 27.04
CA TYR D 124 14.04 7.21 27.71
C TYR D 124 15.50 7.31 27.33
N GLY D 125 16.39 6.92 28.24
CA GLY D 125 17.81 6.98 27.94
C GLY D 125 18.39 8.37 28.15
N LYS D 126 19.44 8.69 27.40
CA LYS D 126 20.10 9.98 27.51
C LYS D 126 19.97 10.77 26.22
N GLU D 127 19.40 11.96 26.29
CA GLU D 127 19.23 12.78 25.10
C GLU D 127 20.53 13.51 24.79
N GLU D 128 21.46 12.76 24.21
CA GLU D 128 22.76 13.29 23.86
C GLU D 128 23.12 12.74 22.48
N GLY D 129 23.69 13.60 21.64
CA GLY D 129 24.06 13.15 20.31
C GLY D 129 23.27 13.87 19.22
N THR D 130 22.94 13.14 18.15
CA THR D 130 22.20 13.71 17.04
C THR D 130 20.74 13.28 17.10
N PRO D 131 19.82 14.25 17.11
CA PRO D 131 18.42 13.83 17.17
C PRO D 131 17.87 13.37 15.83
N PHE D 132 16.77 12.64 15.88
CA PHE D 132 16.06 12.18 14.70
C PHE D 132 14.61 12.11 15.14
N SER D 133 13.69 12.16 14.20
CA SER D 133 12.28 12.14 14.54
C SER D 133 11.45 11.74 13.33
N LEU D 134 10.39 10.98 13.59
CA LEU D 134 9.52 10.56 12.51
C LEU D 134 8.07 10.86 12.84
N PRO D 135 7.63 12.09 12.53
CA PRO D 135 6.24 12.48 12.80
C PRO D 135 5.42 11.80 11.70
N ILE D 136 4.27 11.25 12.04
CA ILE D 136 3.43 10.58 11.05
C ILE D 136 2.10 11.32 10.97
N GLU D 137 1.67 11.65 9.76
CA GLU D 137 0.42 12.36 9.56
C GLU D 137 -0.67 11.39 9.09
N ASN D 138 -0.29 10.41 8.29
CA ASN D 138 -1.24 9.42 7.79
C ASN D 138 -0.53 8.07 7.66
N GLY D 139 -1.12 7.05 8.25
CA GLY D 139 -0.51 5.72 8.21
C GLY D 139 -0.11 5.30 9.61
N LEU D 140 0.41 4.09 9.71
CA LEU D 140 0.80 3.53 11.00
C LEU D 140 2.11 2.79 10.98
N ILE D 141 2.78 2.74 12.13
CA ILE D 141 4.00 1.95 12.25
C ILE D 141 3.43 0.57 12.52
N VAL D 142 3.75 -0.40 11.67
CA VAL D 142 3.23 -1.74 11.85
C VAL D 142 4.32 -2.75 12.11
N GLY D 143 5.53 -2.26 12.32
CA GLY D 143 6.64 -3.14 12.60
C GLY D 143 7.93 -2.39 12.86
N PHE D 144 8.80 -2.98 13.66
CA PHE D 144 10.08 -2.39 13.98
C PHE D 144 11.20 -3.25 13.43
N LYS D 145 12.32 -2.60 13.13
CA LYS D 145 13.51 -3.27 12.65
C LYS D 145 14.67 -2.44 13.18
N GLY D 146 15.88 -2.98 13.09
CA GLY D 146 17.03 -2.24 13.59
C GLY D 146 18.24 -3.15 13.73
N ARG D 147 19.11 -2.81 14.67
CA ARG D 147 20.30 -3.59 14.93
C ARG D 147 20.54 -3.55 16.44
N SER D 148 20.96 -4.67 17.02
CA SER D 148 21.21 -4.72 18.44
C SER D 148 22.41 -5.58 18.82
N GLY D 149 23.10 -5.13 19.86
CA GLY D 149 24.25 -5.84 20.40
C GLY D 149 23.99 -5.79 21.90
N PHE D 150 24.81 -5.06 22.63
CA PHE D 150 24.59 -4.91 24.06
C PHE D 150 23.46 -3.90 24.24
N VAL D 151 23.31 -3.03 23.25
CA VAL D 151 22.25 -2.02 23.26
C VAL D 151 21.62 -1.96 21.88
N VAL D 152 20.65 -1.08 21.71
CA VAL D 152 20.03 -0.93 20.39
C VAL D 152 20.94 -0.03 19.58
N ASP D 153 21.58 -0.58 18.55
CA ASP D 153 22.48 0.19 17.70
C ASP D 153 21.76 1.08 16.70
N ALA D 154 20.65 0.59 16.17
CA ALA D 154 19.88 1.33 15.19
C ALA D 154 18.42 0.90 15.20
N ILE D 155 17.55 1.74 14.65
CA ILE D 155 16.13 1.42 14.63
C ILE D 155 15.48 1.96 13.37
N GLY D 156 14.40 1.30 12.95
CA GLY D 156 13.68 1.70 11.75
C GLY D 156 12.25 1.23 11.87
N PHE D 157 11.38 1.66 10.96
CA PHE D 157 9.99 1.28 11.03
C PHE D 157 9.32 0.88 9.72
N HIS D 158 8.36 -0.04 9.83
CA HIS D 158 7.57 -0.48 8.70
C HIS D 158 6.32 0.37 8.80
N LEU D 159 5.88 0.93 7.68
CA LEU D 159 4.69 1.78 7.67
C LEU D 159 3.61 1.23 6.75
N SER D 160 2.36 1.46 7.11
CA SER D 160 1.24 0.99 6.31
C SER D 160 -0.02 1.80 6.56
N LEU D 161 -0.89 1.85 5.56
CA LEU D 161 -2.16 2.54 5.71
C LEU D 161 -3.08 1.60 6.48
C ACY E . -2.84 27.25 7.60
O ACY E . -2.09 27.75 6.65
OXT ACY E . -2.65 26.17 8.26
CH3 ACY E . -4.05 28.11 7.92
C1 GOL F . 8.68 32.14 7.05
O1 GOL F . 8.71 31.71 5.80
C2 GOL F . 7.62 32.86 7.63
O2 GOL F . 7.09 32.22 8.69
C3 GOL F . 7.47 33.86 7.00
O3 GOL F . 7.70 34.91 5.90
S SO4 G . 0.75 -4.71 -28.63
O1 SO4 G . 2.12 -5.25 -28.73
O2 SO4 G . -0.13 -5.43 -29.58
O3 SO4 G . 0.26 -4.90 -27.25
O4 SO4 G . 0.76 -3.28 -28.96
C1 GOL H . -10.70 -6.94 -31.09
O1 GOL H . -10.69 -5.73 -30.57
C2 GOL H . -9.69 -7.49 -31.89
O2 GOL H . -9.02 -8.49 -31.26
C3 GOL H . -9.66 -6.90 -32.94
O3 GOL H . -10.02 -5.87 -34.05
C ACY I . -22.93 -13.60 10.03
O ACY I . -22.26 -14.71 10.24
OXT ACY I . -22.72 -12.72 9.12
CH3 ACY I . -24.05 -13.39 11.02
C1 GOL J . -23.51 -24.22 3.31
O1 GOL J . -22.28 -24.36 3.78
C2 GOL J . -24.63 -23.80 4.06
O2 GOL J . -25.19 -22.68 3.58
C3 GOL J . -24.78 -24.57 4.97
O3 GOL J . -24.52 -25.76 5.89
C ACY K . 24.30 -8.19 9.80
O ACY K . 23.88 -8.36 11.02
OXT ACY K . 24.14 -7.15 9.05
CH3 ACY K . 25.08 -9.37 9.26
C1 GOL L . 26.21 -2.20 20.62
O1 GOL L . 25.03 -2.73 20.83
C2 GOL L . 27.31 -2.87 20.05
O2 GOL L . 27.63 -2.38 18.82
C3 GOL L . 27.68 -3.71 20.81
O3 GOL L . 27.72 -4.58 22.09
#